data_6EXS
#
_entry.id   6EXS
#
_cell.length_a   60.040
_cell.length_b   55.576
_cell.length_c   100.866
_cell.angle_alpha   90.00
_cell.angle_beta   104.75
_cell.angle_gamma   90.00
#
_symmetry.space_group_name_H-M   'P 1 21 1'
#
loop_
_entity.id
_entity.type
_entity.pdbx_description
1 polymer 'Peptide ABC transporter permease'
2 non-polymer '(2R)-2,3-dihydroxypropyl (9Z)-octadec-9-enoate'
3 non-polymer '2-[[(2~{R})-2-azanyl-3-[(3~{S})-3-methyl-1-oxidanyl-hexan-3-yl]sulfanyl-propanoyl]amino]ethanoic acid'
4 water water
#
_entity_poly.entity_id   1
_entity_poly.type   'polypeptide(L)'
_entity_poly.pdbx_seq_one_letter_code
;QTIQSIPQKGFFGHPRGLGVLFFVEFWERFSYYGMRAMLIFYMYFAIHQNGLGIDKTTAMSIMSVYGALIYMSSIPGAWI
ADRITGTRGATLLGAVLIIIGHICLSLPFALFGLFSSMFFIIIGSGLMKPNISNIVGRLYPENDTRIDAGFVIFYMSVNL
GALISPIILQHFVDIRNFHGGFLLAAIGMALGLVWYLLFNRKNLGSVGMAPTNPLSKEEKRKYGMIIGIIVAIVIVVLLV
TYYTHTLSFDLISNTVLVLGVALPIIYFTTMLRSKDVTDGERSRVKAFIPLFILGMLFWSIQEQGSNVLNIYGLERSDMQ
LNLFGWTTRFGEALFQSINPLFILLFAPVISMIWLKMGKKQPSLAIKFSIGTLLAGLSYILIGLVGLGYGHTQFSVNWVI
LSYVICVIGELCLSPTGNSAAVKLAPKAFNAQMMSVWLLTNASAQAINGTLVKLIKPLGQTNYFIFLGTVAIVITLIILV
FSPKITK
;
_entity_poly.pdbx_strand_id   A
#
loop_
_chem_comp.id
_chem_comp.type
_chem_comp.name
_chem_comp.formula
C3H non-polymer '2-[[(2~{R})-2-azanyl-3-[(3~{S})-3-methyl-1-oxidanyl-hexan-3-yl]sulfanyl-propanoyl]amino]ethanoic acid' 'C12 H24 N2 O4 S'
OLC non-polymer '(2R)-2,3-dihydroxypropyl (9Z)-octadec-9-enoate' 'C21 H40 O4'
#
# COMPACT_ATOMS: atom_id res chain seq x y z
N GLN A 1 -27.50 -17.34 -11.78
CA GLN A 1 -26.15 -16.95 -12.17
C GLN A 1 -25.97 -15.44 -12.05
N THR A 2 -24.86 -15.01 -11.41
CA THR A 2 -24.47 -13.61 -11.20
C THR A 2 -24.08 -12.90 -12.50
N ILE A 3 -23.79 -13.70 -13.57
CA ILE A 3 -23.41 -13.21 -14.90
C ILE A 3 -24.66 -12.85 -15.74
N GLN A 4 -25.82 -13.46 -15.40
CA GLN A 4 -27.10 -13.21 -16.07
C GLN A 4 -27.61 -11.79 -15.81
N SER A 5 -27.35 -11.27 -14.61
CA SER A 5 -27.79 -9.94 -14.14
C SER A 5 -26.84 -8.78 -14.53
N ILE A 6 -25.71 -9.07 -15.22
CA ILE A 6 -24.72 -8.02 -15.52
C ILE A 6 -24.31 -7.92 -17.00
N PRO A 7 -24.15 -6.66 -17.52
CA PRO A 7 -23.68 -6.50 -18.91
C PRO A 7 -22.24 -7.02 -19.05
N GLN A 8 -21.97 -7.78 -20.14
CA GLN A 8 -20.68 -8.42 -20.36
C GLN A 8 -19.71 -7.59 -21.22
N LYS A 9 -20.17 -6.44 -21.72
CA LYS A 9 -19.37 -5.48 -22.48
C LYS A 9 -19.74 -4.06 -21.97
N GLY A 10 -19.20 -3.01 -22.60
CA GLY A 10 -19.56 -1.66 -22.20
C GLY A 10 -18.43 -0.73 -21.76
N PHE A 11 -17.25 -1.29 -21.39
CA PHE A 11 -16.08 -0.51 -20.99
C PHE A 11 -14.83 -1.11 -21.62
N PHE A 12 -14.46 -0.64 -22.82
CA PHE A 12 -13.30 -1.07 -23.62
C PHE A 12 -13.24 -2.60 -23.83
N GLY A 13 -14.39 -3.20 -24.18
CA GLY A 13 -14.52 -4.64 -24.39
C GLY A 13 -14.65 -5.48 -23.12
N HIS A 14 -14.81 -4.83 -21.95
CA HIS A 14 -14.96 -5.45 -20.62
C HIS A 14 -16.35 -5.16 -20.02
N PRO A 15 -16.86 -5.95 -19.02
CA PRO A 15 -18.18 -5.64 -18.43
C PRO A 15 -18.31 -4.18 -17.99
N ARG A 16 -19.48 -3.54 -18.26
CA ARG A 16 -19.73 -2.10 -17.96
C ARG A 16 -19.43 -1.71 -16.51
N GLY A 17 -19.56 -2.69 -15.61
CA GLY A 17 -19.26 -2.56 -14.19
C GLY A 17 -17.80 -2.24 -13.92
N LEU A 18 -16.88 -2.61 -14.84
CA LEU A 18 -15.45 -2.27 -14.71
C LEU A 18 -15.29 -0.73 -14.83
N GLY A 19 -16.10 -0.12 -15.71
CA GLY A 19 -16.14 1.33 -15.92
C GLY A 19 -16.58 2.07 -14.68
N VAL A 20 -17.63 1.57 -14.02
CA VAL A 20 -18.19 2.12 -12.79
C VAL A 20 -17.11 2.07 -11.71
N LEU A 21 -16.46 0.89 -11.52
CA LEU A 21 -15.45 0.67 -10.48
C LEU A 21 -14.10 1.32 -10.76
N PHE A 22 -13.79 1.61 -12.05
CA PHE A 22 -12.59 2.32 -12.44
C PHE A 22 -12.70 3.77 -11.95
N PHE A 23 -13.87 4.44 -12.20
CA PHE A 23 -14.16 5.81 -11.77
C PHE A 23 -14.16 5.92 -10.25
N VAL A 24 -14.77 4.93 -9.57
CA VAL A 24 -14.85 4.86 -8.10
C VAL A 24 -13.44 4.70 -7.51
N GLU A 25 -12.66 3.71 -8.01
CA GLU A 25 -11.28 3.47 -7.54
C GLU A 25 -10.38 4.67 -7.82
N PHE A 26 -10.48 5.26 -9.03
CA PHE A 26 -9.68 6.45 -9.35
C PHE A 26 -9.74 7.52 -8.28
N TRP A 27 -10.98 7.90 -7.86
CA TRP A 27 -11.27 8.96 -6.90
C TRP A 27 -10.92 8.61 -5.46
N GLU A 28 -10.96 7.33 -5.09
CA GLU A 28 -10.54 6.89 -3.76
C GLU A 28 -9.01 6.91 -3.70
N ARG A 29 -8.33 6.45 -4.77
CA ARG A 29 -6.87 6.45 -4.83
C ARG A 29 -6.30 7.88 -4.99
N PHE A 30 -7.00 8.77 -5.76
CA PHE A 30 -6.68 10.18 -5.95
C PHE A 30 -6.68 10.85 -4.57
N SER A 31 -7.80 10.71 -3.84
CA SER A 31 -7.96 11.31 -2.53
C SER A 31 -7.06 10.66 -1.47
N TYR A 32 -6.80 9.33 -1.56
CA TYR A 32 -5.90 8.66 -0.60
C TYR A 32 -4.47 9.15 -0.76
N TYR A 33 -3.95 9.11 -2.00
CA TYR A 33 -2.57 9.50 -2.26
C TYR A 33 -2.34 11.00 -2.15
N GLY A 34 -3.39 11.79 -2.37
CA GLY A 34 -3.33 13.24 -2.25
C GLY A 34 -3.20 13.67 -0.81
N MET A 35 -4.05 13.07 0.06
CA MET A 35 -4.04 13.26 1.51
C MET A 35 -2.66 12.80 2.05
N ARG A 36 -2.19 11.61 1.59
CA ARG A 36 -0.91 11.02 2.00
CA ARG A 36 -0.90 10.99 1.95
C ARG A 36 0.30 11.88 1.63
N ALA A 37 0.31 12.49 0.42
CA ALA A 37 1.38 13.37 -0.07
C ALA A 37 1.52 14.62 0.81
N MET A 38 0.39 15.12 1.36
CA MET A 38 0.29 16.29 2.23
C MET A 38 0.53 15.96 3.69
N LEU A 39 0.06 14.78 4.16
CA LEU A 39 0.10 14.37 5.56
C LEU A 39 1.48 14.50 6.21
N ILE A 40 2.56 14.07 5.55
CA ILE A 40 3.91 14.13 6.13
C ILE A 40 4.32 15.58 6.45
N PHE A 41 4.10 16.52 5.51
CA PHE A 41 4.44 17.93 5.69
C PHE A 41 3.53 18.61 6.70
N TYR A 42 2.21 18.32 6.63
CA TYR A 42 1.22 18.85 7.57
C TYR A 42 1.60 18.47 9.03
N MET A 43 2.10 17.25 9.26
CA MET A 43 2.51 16.79 10.59
C MET A 43 3.77 17.49 11.15
N TYR A 44 4.92 17.47 10.41
CA TYR A 44 6.15 18.03 10.98
C TYR A 44 6.36 19.53 10.70
N PHE A 45 5.57 20.15 9.79
CA PHE A 45 5.70 21.60 9.59
C PHE A 45 5.25 22.31 10.87
N ALA A 46 5.93 23.43 11.23
CA ALA A 46 5.64 24.22 12.42
C ALA A 46 4.20 24.74 12.45
N ILE A 47 3.68 25.05 13.67
CA ILE A 47 2.33 25.59 13.90
C ILE A 47 2.13 26.91 13.13
N HIS A 48 3.19 27.79 13.09
CA HIS A 48 3.13 29.06 12.37
C HIS A 48 3.00 28.84 10.85
N GLN A 49 3.32 27.62 10.37
CA GLN A 49 3.23 27.19 8.96
C GLN A 49 1.96 26.36 8.69
N ASN A 50 0.95 26.43 9.60
CA ASN A 50 -0.36 25.72 9.57
C ASN A 50 -0.23 24.19 9.70
N GLY A 51 0.95 23.73 10.13
CA GLY A 51 1.24 22.33 10.41
C GLY A 51 0.90 21.97 11.85
N LEU A 52 1.23 20.73 12.27
CA LEU A 52 0.93 20.25 13.61
C LEU A 52 2.12 20.36 14.59
N GLY A 53 3.31 20.64 14.05
CA GLY A 53 4.53 20.82 14.83
C GLY A 53 5.03 19.59 15.55
N ILE A 54 4.65 18.40 15.06
CA ILE A 54 5.04 17.08 15.56
C ILE A 54 6.53 16.85 15.24
N ASP A 55 7.23 16.13 16.13
CA ASP A 55 8.63 15.73 15.95
C ASP A 55 8.76 15.03 14.60
N LYS A 56 9.78 15.41 13.83
CA LYS A 56 10.06 14.85 12.50
C LYS A 56 10.08 13.31 12.48
N THR A 57 10.80 12.66 13.42
CA THR A 57 10.90 11.21 13.55
C THR A 57 9.53 10.59 13.82
N THR A 58 8.75 11.18 14.76
CA THR A 58 7.40 10.72 15.09
C THR A 58 6.48 10.82 13.88
N ALA A 59 6.57 11.92 13.10
CA ALA A 59 5.78 12.14 11.88
C ALA A 59 6.10 11.07 10.82
N MET A 60 7.39 10.66 10.73
CA MET A 60 7.92 9.63 9.83
C MET A 60 7.38 8.26 10.24
N SER A 61 7.45 7.95 11.54
CA SER A 61 6.93 6.70 12.14
C SER A 61 5.42 6.53 11.87
N ILE A 62 4.60 7.61 12.10
CA ILE A 62 3.14 7.64 11.86
C ILE A 62 2.81 7.22 10.39
N MET A 63 3.52 7.80 9.39
CA MET A 63 3.34 7.49 7.96
C MET A 63 3.42 5.98 7.65
N SER A 64 4.44 5.29 8.22
CA SER A 64 4.70 3.88 8.04
C SER A 64 3.69 2.99 8.77
N VAL A 65 3.41 3.31 10.05
CA VAL A 65 2.45 2.58 10.89
C VAL A 65 1.05 2.68 10.29
N TYR A 66 0.70 3.87 9.79
CA TYR A 66 -0.57 4.16 9.10
C TYR A 66 -0.69 3.27 7.84
N GLY A 67 0.36 3.22 7.02
CA GLY A 67 0.45 2.41 5.81
C GLY A 67 0.36 0.93 6.11
N ALA A 68 1.05 0.46 7.18
CA ALA A 68 1.03 -0.92 7.65
C ALA A 68 -0.38 -1.32 8.11
N LEU A 69 -1.10 -0.40 8.81
CA LEU A 69 -2.44 -0.68 9.32
C LEU A 69 -3.48 -0.77 8.22
N ILE A 70 -3.36 0.04 7.15
CA ILE A 70 -4.26 0.00 6.00
C ILE A 70 -4.25 -1.39 5.34
N TYR A 71 -3.04 -1.96 5.14
CA TYR A 71 -2.81 -3.27 4.53
C TYR A 71 -3.17 -4.43 5.47
N MET A 72 -2.93 -4.27 6.80
CA MET A 72 -3.27 -5.27 7.84
C MET A 72 -4.78 -5.43 8.01
N SER A 73 -5.53 -4.31 7.96
CA SER A 73 -6.98 -4.31 8.13
C SER A 73 -7.76 -4.94 6.93
N SER A 74 -7.12 -5.19 5.78
CA SER A 74 -7.78 -5.85 4.64
C SER A 74 -8.10 -7.30 4.98
N ILE A 75 -7.31 -7.91 5.90
CA ILE A 75 -7.51 -9.27 6.41
C ILE A 75 -8.89 -9.36 7.10
N PRO A 76 -9.22 -8.61 8.20
CA PRO A 76 -10.57 -8.72 8.78
C PRO A 76 -11.66 -8.18 7.83
N GLY A 77 -11.33 -7.15 7.05
CA GLY A 77 -12.22 -6.53 6.06
C GLY A 77 -12.72 -7.47 4.98
N ALA A 78 -11.87 -8.42 4.54
CA ALA A 78 -12.26 -9.44 3.56
C ALA A 78 -13.11 -10.52 4.24
N TRP A 79 -12.80 -10.85 5.52
CA TRP A 79 -13.52 -11.81 6.36
C TRP A 79 -14.94 -11.30 6.63
N ILE A 80 -15.09 -10.01 7.01
CA ILE A 80 -16.38 -9.31 7.27
C ILE A 80 -17.26 -9.46 6.04
N ALA A 81 -16.73 -9.13 4.85
CA ALA A 81 -17.44 -9.27 3.59
C ALA A 81 -17.85 -10.72 3.32
N ASP A 82 -16.92 -11.67 3.55
CA ASP A 82 -17.10 -13.09 3.29
C ASP A 82 -18.08 -13.78 4.22
N ARG A 83 -18.19 -13.29 5.47
CA ARG A 83 -19.03 -13.95 6.48
C ARG A 83 -20.22 -13.14 6.99
N ILE A 84 -20.28 -11.81 6.75
CA ILE A 84 -21.34 -10.95 7.30
C ILE A 84 -22.11 -10.12 6.28
N THR A 85 -21.46 -9.16 5.59
CA THR A 85 -22.13 -8.18 4.70
C THR A 85 -22.17 -8.48 3.20
N GLY A 86 -21.20 -9.23 2.71
CA GLY A 86 -21.01 -9.43 1.28
C GLY A 86 -19.98 -8.41 0.88
N THR A 87 -19.44 -8.49 -0.33
CA THR A 87 -18.41 -7.56 -0.78
C THR A 87 -18.98 -6.18 -1.09
N ARG A 88 -20.25 -6.11 -1.57
CA ARG A 88 -20.91 -4.83 -1.92
C ARG A 88 -21.11 -3.93 -0.73
N GLY A 89 -21.73 -4.48 0.33
CA GLY A 89 -21.98 -3.77 1.58
C GLY A 89 -20.71 -3.23 2.19
N ALA A 90 -19.66 -4.08 2.24
CA ALA A 90 -18.32 -3.78 2.75
C ALA A 90 -17.60 -2.66 1.96
N THR A 91 -17.73 -2.66 0.61
CA THR A 91 -17.16 -1.64 -0.29
C THR A 91 -17.83 -0.28 0.00
N LEU A 92 -19.16 -0.29 0.21
CA LEU A 92 -19.99 0.89 0.47
C LEU A 92 -19.75 1.46 1.86
N LEU A 93 -19.73 0.60 2.89
CA LEU A 93 -19.47 1.05 4.26
C LEU A 93 -18.06 1.61 4.33
N GLY A 94 -17.11 0.93 3.69
CA GLY A 94 -15.73 1.37 3.60
C GLY A 94 -15.61 2.75 3.02
N ALA A 95 -16.24 2.99 1.86
CA ALA A 95 -16.26 4.28 1.17
C ALA A 95 -16.80 5.43 2.03
N VAL A 96 -17.89 5.20 2.79
CA VAL A 96 -18.53 6.18 3.67
C VAL A 96 -17.56 6.51 4.81
N LEU A 97 -17.00 5.46 5.46
CA LEU A 97 -16.02 5.59 6.52
C LEU A 97 -14.77 6.35 6.07
N ILE A 98 -14.27 6.09 4.83
CA ILE A 98 -13.11 6.78 4.23
C ILE A 98 -13.41 8.29 4.07
N ILE A 99 -14.63 8.66 3.58
CA ILE A 99 -15.06 10.07 3.43
C ILE A 99 -15.06 10.80 4.80
N ILE A 100 -15.48 10.09 5.88
CA ILE A 100 -15.54 10.63 7.24
C ILE A 100 -14.13 11.00 7.70
N GLY A 101 -13.17 10.10 7.43
CA GLY A 101 -11.75 10.30 7.72
C GLY A 101 -11.17 11.49 7.01
N HIS A 102 -11.62 11.77 5.78
CA HIS A 102 -11.15 12.92 5.03
C HIS A 102 -11.76 14.21 5.60
N ILE A 103 -13.03 14.15 6.08
CA ILE A 103 -13.70 15.30 6.69
C ILE A 103 -12.99 15.67 8.00
N CYS A 104 -12.56 14.66 8.82
CA CYS A 104 -11.82 14.85 10.08
C CYS A 104 -10.64 15.81 9.88
N LEU A 105 -9.85 15.61 8.79
CA LEU A 105 -8.69 16.41 8.43
C LEU A 105 -9.02 17.83 7.96
N SER A 106 -10.24 18.04 7.42
CA SER A 106 -10.72 19.34 6.94
C SER A 106 -11.10 20.28 8.08
N LEU A 107 -11.63 19.72 9.19
CA LEU A 107 -12.06 20.49 10.36
C LEU A 107 -10.87 20.94 11.23
N PRO A 108 -10.97 22.02 12.06
CA PRO A 108 -9.80 22.44 12.85
C PRO A 108 -9.72 21.70 14.19
N PHE A 109 -9.46 20.38 14.13
CA PHE A 109 -9.42 19.50 15.29
C PHE A 109 -8.01 19.07 15.70
N ALA A 110 -6.97 19.70 15.12
CA ALA A 110 -5.54 19.45 15.40
C ALA A 110 -5.18 17.95 15.55
N LEU A 111 -4.64 17.49 16.69
CA LEU A 111 -4.24 16.09 16.89
C LEU A 111 -5.41 15.10 16.90
N PHE A 112 -6.59 15.51 17.41
CA PHE A 112 -7.79 14.68 17.41
C PHE A 112 -8.20 14.40 15.96
N GLY A 113 -8.24 15.45 15.13
CA GLY A 113 -8.59 15.38 13.72
C GLY A 113 -7.67 14.48 12.91
N LEU A 114 -6.38 14.40 13.31
CA LEU A 114 -5.39 13.55 12.67
C LEU A 114 -5.60 12.09 13.04
N PHE A 115 -5.65 11.76 14.35
CA PHE A 115 -5.82 10.36 14.76
C PHE A 115 -7.23 9.79 14.45
N SER A 116 -8.30 10.63 14.52
CA SER A 116 -9.66 10.19 14.16
C SER A 116 -9.76 9.91 12.66
N SER A 117 -9.07 10.72 11.83
CA SER A 117 -8.99 10.56 10.37
C SER A 117 -8.32 9.20 10.05
N MET A 118 -7.18 8.91 10.71
CA MET A 118 -6.43 7.68 10.54
C MET A 118 -7.29 6.47 10.87
N PHE A 119 -8.05 6.54 11.98
CA PHE A 119 -8.98 5.51 12.45
C PHE A 119 -10.04 5.15 11.39
N PHE A 120 -10.75 6.17 10.84
CA PHE A 120 -11.79 5.98 9.83
C PHE A 120 -11.23 5.49 8.49
N ILE A 121 -10.04 6.00 8.08
CA ILE A 121 -9.43 5.57 6.82
C ILE A 121 -8.84 4.15 6.98
N ILE A 122 -8.23 3.79 8.13
CA ILE A 122 -7.72 2.42 8.36
C ILE A 122 -8.88 1.40 8.24
N ILE A 123 -10.01 1.67 8.93
CA ILE A 123 -11.19 0.81 8.95
C ILE A 123 -11.90 0.78 7.59
N GLY A 124 -12.12 1.97 7.01
CA GLY A 124 -12.74 2.09 5.70
C GLY A 124 -11.99 1.35 4.61
N SER A 125 -10.63 1.56 4.54
CA SER A 125 -9.74 0.91 3.56
C SER A 125 -9.70 -0.63 3.71
N GLY A 126 -9.70 -1.13 4.93
CA GLY A 126 -9.74 -2.56 5.18
C GLY A 126 -11.02 -3.18 4.67
N LEU A 127 -12.12 -2.40 4.67
CA LEU A 127 -13.44 -2.81 4.18
C LEU A 127 -13.58 -2.63 2.67
N MET A 128 -13.10 -1.51 2.13
CA MET A 128 -13.22 -1.23 0.71
C MET A 128 -12.17 -1.89 -0.16
N LYS A 129 -10.86 -1.75 0.19
CA LYS A 129 -9.73 -2.24 -0.62
C LYS A 129 -9.82 -3.70 -1.11
N PRO A 130 -9.90 -4.75 -0.26
CA PRO A 130 -9.92 -6.12 -0.82
C PRO A 130 -11.22 -6.48 -1.52
N ASN A 131 -12.31 -5.80 -1.14
CA ASN A 131 -13.67 -6.09 -1.59
C ASN A 131 -14.01 -5.52 -2.95
N ILE A 132 -13.50 -4.33 -3.31
CA ILE A 132 -13.68 -3.74 -4.65
C ILE A 132 -12.97 -4.63 -5.70
N SER A 133 -11.78 -5.18 -5.33
CA SER A 133 -10.94 -6.05 -6.17
C SER A 133 -11.66 -7.34 -6.48
N ASN A 134 -12.31 -7.90 -5.46
CA ASN A 134 -13.09 -9.11 -5.51
C ASN A 134 -14.27 -8.96 -6.50
N ILE A 135 -15.02 -7.84 -6.39
CA ILE A 135 -16.17 -7.51 -7.26
C ILE A 135 -15.74 -7.50 -8.73
N VAL A 136 -14.61 -6.82 -9.04
CA VAL A 136 -13.99 -6.71 -10.37
C VAL A 136 -13.80 -8.10 -11.02
N GLY A 137 -13.17 -9.03 -10.30
CA GLY A 137 -12.95 -10.39 -10.77
C GLY A 137 -14.22 -11.22 -10.92
N ARG A 138 -15.25 -10.95 -10.09
CA ARG A 138 -16.53 -11.68 -10.12
C ARG A 138 -17.51 -11.16 -11.21
N LEU A 139 -17.07 -10.18 -12.00
CA LEU A 139 -17.78 -9.62 -13.15
C LEU A 139 -17.54 -10.49 -14.38
N TYR A 140 -16.48 -11.34 -14.34
CA TYR A 140 -16.09 -12.24 -15.43
C TYR A 140 -16.53 -13.69 -15.18
N PRO A 141 -17.15 -14.37 -16.16
CA PRO A 141 -17.51 -15.79 -15.98
C PRO A 141 -16.28 -16.69 -15.74
N GLU A 142 -16.50 -17.93 -15.24
CA GLU A 142 -15.46 -18.89 -14.87
C GLU A 142 -14.29 -19.02 -15.89
N ASN A 143 -14.58 -19.34 -17.16
CA ASN A 143 -13.53 -19.56 -18.17
C ASN A 143 -13.12 -18.31 -18.98
N ASP A 144 -13.56 -17.09 -18.57
CA ASP A 144 -13.26 -15.84 -19.26
C ASP A 144 -11.78 -15.43 -19.19
N THR A 145 -11.14 -15.33 -20.37
CA THR A 145 -9.73 -14.98 -20.59
C THR A 145 -9.43 -13.50 -20.38
N ARG A 146 -10.45 -12.63 -20.51
CA ARG A 146 -10.33 -11.17 -20.36
C ARG A 146 -9.95 -10.68 -18.95
N ILE A 147 -10.23 -11.51 -17.90
CA ILE A 147 -10.04 -11.19 -16.48
C ILE A 147 -8.69 -10.51 -16.16
N ASP A 148 -7.56 -11.02 -16.69
CA ASP A 148 -6.22 -10.45 -16.47
C ASP A 148 -6.05 -9.05 -17.03
N ALA A 149 -6.63 -8.78 -18.22
CA ALA A 149 -6.61 -7.48 -18.89
C ALA A 149 -7.51 -6.52 -18.14
N GLY A 150 -8.59 -7.03 -17.56
CA GLY A 150 -9.55 -6.27 -16.77
C GLY A 150 -8.93 -5.67 -15.52
N PHE A 151 -8.06 -6.44 -14.84
CA PHE A 151 -7.34 -5.97 -13.66
C PHE A 151 -6.24 -4.98 -14.05
N VAL A 152 -5.52 -5.22 -15.16
CA VAL A 152 -4.52 -4.29 -15.67
C VAL A 152 -5.17 -2.90 -15.84
N ILE A 153 -6.38 -2.84 -16.45
CA ILE A 153 -7.18 -1.60 -16.61
C ILE A 153 -7.56 -1.07 -15.21
N PHE A 154 -8.13 -1.92 -14.33
CA PHE A 154 -8.55 -1.49 -12.99
C PHE A 154 -7.41 -0.82 -12.19
N TYR A 155 -6.19 -1.38 -12.26
CA TYR A 155 -5.06 -0.84 -11.52
C TYR A 155 -4.46 0.43 -12.17
N MET A 156 -4.91 0.81 -13.39
CA MET A 156 -4.51 2.05 -14.05
C MET A 156 -5.16 3.23 -13.33
N SER A 157 -6.39 3.03 -12.80
CA SER A 157 -7.13 4.02 -12.03
C SER A 157 -6.37 4.37 -10.75
N VAL A 158 -5.69 3.36 -10.16
CA VAL A 158 -4.85 3.45 -8.95
C VAL A 158 -3.68 4.42 -9.19
N ASN A 159 -2.83 4.12 -10.18
CA ASN A 159 -1.66 4.93 -10.57
C ASN A 159 -2.02 6.28 -11.16
N LEU A 160 -3.20 6.41 -11.85
CA LEU A 160 -3.63 7.71 -12.37
C LEU A 160 -4.03 8.63 -11.20
N GLY A 161 -4.70 8.06 -10.20
CA GLY A 161 -5.08 8.79 -8.99
C GLY A 161 -3.84 9.21 -8.21
N ALA A 162 -2.90 8.25 -8.03
CA ALA A 162 -1.61 8.47 -7.36
C ALA A 162 -0.72 9.48 -8.08
N LEU A 163 -0.81 9.57 -9.43
CA LEU A 163 -0.01 10.49 -10.25
C LEU A 163 -0.54 11.92 -10.25
N ILE A 164 -1.84 12.12 -10.49
CA ILE A 164 -2.50 13.43 -10.61
C ILE A 164 -2.65 14.19 -9.26
N SER A 165 -3.08 13.51 -8.18
CA SER A 165 -3.36 14.15 -6.89
C SER A 165 -2.16 14.93 -6.27
N PRO A 166 -0.88 14.45 -6.21
CA PRO A 166 0.19 15.30 -5.65
C PRO A 166 0.42 16.56 -6.49
N ILE A 167 0.27 16.46 -7.84
CA ILE A 167 0.39 17.58 -8.78
C ILE A 167 -0.67 18.66 -8.44
N ILE A 168 -1.92 18.23 -8.14
CA ILE A 168 -3.03 19.14 -7.80
C ILE A 168 -2.87 19.77 -6.41
N LEU A 169 -2.44 18.97 -5.42
CA LEU A 169 -2.34 19.41 -4.03
C LEU A 169 -1.03 20.08 -3.66
N GLN A 170 -0.05 20.15 -4.59
CA GLN A 170 1.21 20.85 -4.35
C GLN A 170 0.93 22.32 -4.04
N HIS A 171 -0.08 22.93 -4.71
CA HIS A 171 -0.50 24.32 -4.50
C HIS A 171 -0.93 24.57 -3.05
N PHE A 172 -1.75 23.66 -2.47
CA PHE A 172 -2.24 23.79 -1.10
C PHE A 172 -1.15 23.70 -0.05
N VAL A 173 -0.09 22.90 -0.32
CA VAL A 173 1.09 22.78 0.53
C VAL A 173 1.87 24.11 0.41
N ASP A 174 2.04 24.63 -0.83
CA ASP A 174 2.72 25.91 -1.09
C ASP A 174 2.09 27.11 -0.34
N ILE A 175 0.76 27.26 -0.40
CA ILE A 175 0.05 28.35 0.30
C ILE A 175 -0.27 27.99 1.77
N ARG A 176 0.12 26.78 2.22
CA ARG A 176 -0.06 26.26 3.59
C ARG A 176 -1.56 26.11 3.99
N ASN A 177 -2.41 25.82 3.00
CA ASN A 177 -3.85 25.60 3.20
C ASN A 177 -4.07 24.10 3.23
N PHE A 178 -3.71 23.46 4.34
CA PHE A 178 -3.83 22.02 4.50
C PHE A 178 -5.29 21.61 4.58
N HIS A 179 -6.10 22.30 5.43
CA HIS A 179 -7.53 22.03 5.57
C HIS A 179 -8.30 22.12 4.22
N GLY A 180 -7.88 23.05 3.36
CA GLY A 180 -8.44 23.25 2.03
C GLY A 180 -8.07 22.12 1.09
N GLY A 181 -6.84 21.62 1.22
CA GLY A 181 -6.33 20.51 0.42
C GLY A 181 -6.99 19.19 0.79
N PHE A 182 -7.15 18.95 2.11
CA PHE A 182 -7.79 17.76 2.67
C PHE A 182 -9.30 17.77 2.37
N LEU A 183 -9.89 18.97 2.19
CA LEU A 183 -11.30 19.14 1.83
C LEU A 183 -11.47 18.75 0.36
N LEU A 184 -10.49 19.11 -0.51
CA LEU A 184 -10.48 18.77 -1.93
C LEU A 184 -10.42 17.24 -2.11
N ALA A 185 -9.61 16.54 -1.29
CA ALA A 185 -9.51 15.08 -1.28
C ALA A 185 -10.87 14.52 -0.83
N ALA A 186 -11.51 15.15 0.20
CA ALA A 186 -12.84 14.75 0.69
C ALA A 186 -13.89 14.83 -0.42
N ILE A 187 -13.97 15.96 -1.17
CA ILE A 187 -14.92 16.17 -2.27
C ILE A 187 -14.66 15.17 -3.40
N GLY A 188 -13.38 14.92 -3.70
CA GLY A 188 -12.97 13.96 -4.73
C GLY A 188 -13.50 12.58 -4.41
N MET A 189 -13.38 12.19 -3.14
CA MET A 189 -13.87 10.92 -2.62
C MET A 189 -15.40 10.86 -2.67
N ALA A 190 -16.09 12.01 -2.43
CA ALA A 190 -17.56 12.06 -2.52
C ALA A 190 -18.04 11.78 -3.96
N LEU A 191 -17.28 12.25 -4.99
CA LEU A 191 -17.57 12.04 -6.41
C LEU A 191 -17.54 10.56 -6.74
N GLY A 192 -16.56 9.85 -6.20
CA GLY A 192 -16.41 8.41 -6.32
C GLY A 192 -17.62 7.70 -5.75
N LEU A 193 -18.03 8.10 -4.51
CA LEU A 193 -19.21 7.55 -3.82
C LEU A 193 -20.51 7.80 -4.60
N VAL A 194 -20.72 9.04 -5.09
CA VAL A 194 -21.90 9.46 -5.86
C VAL A 194 -22.08 8.57 -7.12
N TRP A 195 -20.97 8.30 -7.84
CA TRP A 195 -20.90 7.47 -9.05
C TRP A 195 -21.32 6.01 -8.77
N TYR A 196 -20.83 5.41 -7.65
CA TYR A 196 -21.19 4.06 -7.23
C TYR A 196 -22.71 4.03 -6.95
N LEU A 197 -23.20 4.95 -6.11
CA LEU A 197 -24.64 5.04 -5.77
C LEU A 197 -25.51 5.17 -7.03
N LEU A 198 -25.09 5.99 -7.99
CA LEU A 198 -25.84 6.19 -9.23
C LEU A 198 -25.85 4.98 -10.17
N PHE A 199 -24.69 4.31 -10.34
CA PHE A 199 -24.53 3.29 -11.36
C PHE A 199 -24.34 1.84 -10.91
N ASN A 200 -24.08 1.56 -9.63
CA ASN A 200 -23.81 0.20 -9.16
C ASN A 200 -24.92 -0.87 -9.44
N ARG A 201 -26.20 -0.54 -9.17
CA ARG A 201 -27.35 -1.45 -9.27
C ARG A 201 -27.50 -2.19 -10.62
N LYS A 202 -27.58 -1.48 -11.75
CA LYS A 202 -27.75 -2.15 -13.04
C LYS A 202 -26.47 -2.77 -13.63
N ASN A 203 -25.30 -2.16 -13.34
CA ASN A 203 -23.99 -2.60 -13.87
C ASN A 203 -23.35 -3.79 -13.12
N LEU A 204 -23.62 -3.95 -11.82
CA LEU A 204 -23.01 -4.99 -10.98
C LEU A 204 -23.98 -6.10 -10.54
N GLY A 205 -25.29 -5.83 -10.68
CA GLY A 205 -26.37 -6.76 -10.36
C GLY A 205 -26.29 -7.41 -9.01
N SER A 206 -26.36 -8.74 -9.00
CA SER A 206 -26.34 -9.59 -7.80
C SER A 206 -24.94 -9.88 -7.25
N VAL A 207 -23.88 -9.59 -8.02
CA VAL A 207 -22.47 -9.82 -7.67
C VAL A 207 -22.11 -9.18 -6.31
N GLY A 208 -21.83 -10.03 -5.34
CA GLY A 208 -21.39 -9.67 -3.99
C GLY A 208 -22.45 -9.07 -3.09
N MET A 209 -23.73 -9.36 -3.34
CA MET A 209 -24.84 -8.83 -2.53
C MET A 209 -25.08 -9.58 -1.22
N ALA A 210 -24.40 -10.73 -1.04
CA ALA A 210 -24.56 -11.59 0.14
C ALA A 210 -23.22 -12.23 0.53
N PRO A 211 -22.97 -12.59 1.81
CA PRO A 211 -21.68 -13.25 2.14
C PRO A 211 -21.62 -14.69 1.60
N THR A 212 -20.44 -15.11 1.08
CA THR A 212 -20.18 -16.45 0.53
C THR A 212 -20.33 -17.52 1.61
N ASN A 213 -19.68 -17.31 2.76
CA ASN A 213 -19.73 -18.25 3.88
C ASN A 213 -20.36 -17.55 5.09
N PRO A 214 -21.72 -17.35 5.14
CA PRO A 214 -22.30 -16.64 6.30
C PRO A 214 -22.17 -17.38 7.63
N LEU A 215 -22.21 -16.63 8.73
CA LEU A 215 -22.06 -17.16 10.08
C LEU A 215 -23.33 -17.80 10.61
N SER A 216 -23.17 -18.88 11.41
CA SER A 216 -24.28 -19.56 12.06
C SER A 216 -24.72 -18.74 13.28
N LYS A 217 -25.82 -19.13 13.97
CA LYS A 217 -26.30 -18.42 15.16
C LYS A 217 -25.27 -18.47 16.29
N GLU A 218 -24.64 -19.65 16.49
CA GLU A 218 -23.60 -19.87 17.51
C GLU A 218 -22.26 -19.25 17.10
N GLU A 219 -21.97 -19.12 15.78
CA GLU A 219 -20.75 -18.46 15.29
C GLU A 219 -20.81 -16.96 15.51
N LYS A 220 -22.01 -16.35 15.37
CA LYS A 220 -22.26 -14.92 15.62
C LYS A 220 -21.98 -14.59 17.10
N ARG A 221 -22.39 -15.50 18.00
CA ARG A 221 -22.18 -15.39 19.44
C ARG A 221 -20.70 -15.61 19.81
N LYS A 222 -20.03 -16.59 19.15
CA LYS A 222 -18.62 -16.94 19.36
C LYS A 222 -17.68 -15.81 18.96
N TYR A 223 -17.71 -15.41 17.67
CA TYR A 223 -16.85 -14.34 17.13
C TYR A 223 -17.11 -12.99 17.81
N GLY A 224 -18.38 -12.72 18.12
CA GLY A 224 -18.80 -11.49 18.79
C GLY A 224 -18.10 -11.29 20.12
N MET A 225 -18.02 -12.37 20.92
CA MET A 225 -17.35 -12.36 22.23
C MET A 225 -15.84 -12.13 22.10
N ILE A 226 -15.17 -12.92 21.22
CA ILE A 226 -13.72 -12.82 20.93
C ILE A 226 -13.33 -11.42 20.48
N ILE A 227 -14.04 -10.85 19.48
CA ILE A 227 -13.78 -9.51 18.96
C ILE A 227 -14.12 -8.48 20.05
N GLY A 228 -15.22 -8.70 20.76
CA GLY A 228 -15.67 -7.87 21.87
C GLY A 228 -14.60 -7.72 22.94
N ILE A 229 -13.99 -8.85 23.35
CA ILE A 229 -12.91 -8.91 24.35
C ILE A 229 -11.65 -8.18 23.85
N ILE A 230 -11.22 -8.47 22.60
CA ILE A 230 -10.04 -7.85 21.96
C ILE A 230 -10.21 -6.32 21.84
N VAL A 231 -11.36 -5.86 21.31
CA VAL A 231 -11.69 -4.44 21.15
C VAL A 231 -11.76 -3.72 22.52
N ALA A 232 -12.42 -4.34 23.53
CA ALA A 232 -12.56 -3.79 24.88
C ALA A 232 -11.20 -3.59 25.58
N ILE A 233 -10.29 -4.60 25.49
CA ILE A 233 -8.92 -4.54 26.04
C ILE A 233 -8.18 -3.36 25.39
N VAL A 234 -8.29 -3.23 24.05
CA VAL A 234 -7.68 -2.16 23.24
C VAL A 234 -8.18 -0.77 23.67
N ILE A 235 -9.51 -0.58 23.87
CA ILE A 235 -10.11 0.70 24.30
C ILE A 235 -9.70 1.03 25.76
N VAL A 236 -9.66 0.01 26.65
CA VAL A 236 -9.26 0.17 28.05
C VAL A 236 -7.79 0.63 28.14
N VAL A 237 -6.87 -0.06 27.42
CA VAL A 237 -5.43 0.27 27.38
C VAL A 237 -5.22 1.71 26.90
N LEU A 238 -5.87 2.08 25.77
CA LEU A 238 -5.79 3.42 25.18
C LEU A 238 -6.30 4.53 26.10
N LEU A 239 -7.42 4.30 26.81
CA LEU A 239 -7.99 5.29 27.71
C LEU A 239 -7.19 5.45 28.99
N VAL A 240 -6.81 4.32 29.65
CA VAL A 240 -6.03 4.29 30.91
C VAL A 240 -4.69 5.03 30.74
N THR A 241 -3.96 4.77 29.64
CA THR A 241 -2.68 5.42 29.34
C THR A 241 -2.83 6.92 29.06
N TYR A 242 -3.94 7.33 28.42
CA TYR A 242 -4.26 8.71 28.05
C TYR A 242 -4.34 9.65 29.25
N TYR A 243 -5.16 9.28 30.25
CA TYR A 243 -5.36 10.09 31.45
C TYR A 243 -4.23 9.96 32.47
N THR A 244 -3.41 8.89 32.36
CA THR A 244 -2.24 8.70 33.24
C THR A 244 -0.99 9.35 32.59
N HIS A 245 -1.15 9.87 31.36
CA HIS A 245 -0.17 10.58 30.53
C HIS A 245 1.04 9.70 30.12
N THR A 246 0.80 8.40 29.92
CA THR A 246 1.80 7.42 29.46
C THR A 246 1.44 6.95 28.03
N LEU A 247 0.60 7.74 27.31
CA LEU A 247 0.16 7.43 25.95
C LEU A 247 0.98 8.18 24.90
N SER A 248 1.87 7.44 24.24
CA SER A 248 2.77 7.92 23.19
C SER A 248 2.54 7.09 21.93
N PHE A 249 3.09 7.54 20.78
CA PHE A 249 2.98 6.81 19.53
C PHE A 249 3.74 5.47 19.55
N ASP A 250 4.76 5.34 20.44
CA ASP A 250 5.54 4.12 20.66
C ASP A 250 4.63 2.95 21.04
N LEU A 251 3.50 3.22 21.76
CA LEU A 251 2.52 2.20 22.12
C LEU A 251 1.96 1.59 20.84
N ILE A 252 1.63 2.44 19.84
CA ILE A 252 1.09 2.03 18.54
C ILE A 252 2.20 1.37 17.70
N SER A 253 3.33 2.07 17.50
CA SER A 253 4.45 1.60 16.66
C SER A 253 5.04 0.26 17.13
N ASN A 254 5.11 0.01 18.45
CA ASN A 254 5.59 -1.27 18.99
C ASN A 254 4.59 -2.40 18.77
N THR A 255 3.28 -2.10 18.97
CA THR A 255 2.17 -3.06 18.76
C THR A 255 2.15 -3.54 17.30
N VAL A 256 2.22 -2.58 16.35
CA VAL A 256 2.20 -2.79 14.91
C VAL A 256 3.51 -3.48 14.46
N LEU A 257 4.63 -3.26 15.20
CA LEU A 257 5.91 -3.93 14.93
C LEU A 257 5.71 -5.42 15.26
N VAL A 258 5.10 -5.72 16.42
CA VAL A 258 4.80 -7.08 16.86
C VAL A 258 3.91 -7.77 15.81
N LEU A 259 2.81 -7.09 15.39
CA LEU A 259 1.87 -7.57 14.38
C LEU A 259 2.53 -7.86 13.02
N GLY A 260 3.43 -6.98 12.60
CA GLY A 260 4.16 -7.14 11.36
C GLY A 260 5.12 -8.32 11.33
N VAL A 261 5.51 -8.82 12.51
CA VAL A 261 6.41 -9.96 12.64
C VAL A 261 5.59 -11.23 12.84
N ALA A 262 4.58 -11.19 13.73
CA ALA A 262 3.73 -12.32 14.10
C ALA A 262 2.86 -12.86 12.98
N LEU A 263 2.06 -11.97 12.33
CA LEU A 263 1.13 -12.36 11.25
C LEU A 263 1.79 -13.19 10.15
N PRO A 264 2.97 -12.83 9.56
CA PRO A 264 3.60 -13.74 8.57
C PRO A 264 3.94 -15.12 9.16
N ILE A 265 4.45 -15.16 10.41
CA ILE A 265 4.79 -16.42 11.11
C ILE A 265 3.51 -17.27 11.25
N ILE A 266 2.42 -16.68 11.79
CA ILE A 266 1.11 -17.34 11.98
C ILE A 266 0.59 -17.92 10.66
N TYR A 267 0.73 -17.17 9.55
CA TYR A 267 0.29 -17.60 8.22
C TYR A 267 1.10 -18.75 7.66
N PHE A 268 2.44 -18.64 7.64
CA PHE A 268 3.29 -19.71 7.13
C PHE A 268 3.17 -20.99 7.98
N THR A 269 3.08 -20.84 9.32
CA THR A 269 2.94 -21.94 10.27
C THR A 269 1.63 -22.71 10.04
N THR A 270 0.48 -22.00 9.95
CA THR A 270 -0.86 -22.58 9.69
C THR A 270 -0.90 -23.40 8.40
N MET A 271 -0.25 -22.89 7.32
CA MET A 271 -0.20 -23.55 6.03
C MET A 271 0.71 -24.78 6.01
N LEU A 272 1.89 -24.69 6.65
CA LEU A 272 2.84 -25.82 6.72
C LEU A 272 2.36 -26.93 7.67
N ARG A 273 1.38 -26.61 8.56
CA ARG A 273 0.83 -27.54 9.57
C ARG A 273 -0.54 -28.12 9.21
N SER A 274 -1.22 -27.56 8.20
CA SER A 274 -2.56 -28.00 7.76
C SER A 274 -2.60 -29.46 7.28
N LYS A 275 -3.72 -30.14 7.57
CA LYS A 275 -3.98 -31.55 7.21
C LYS A 275 -4.45 -31.67 5.75
N ASP A 276 -5.12 -30.60 5.23
CA ASP A 276 -5.66 -30.51 3.88
C ASP A 276 -4.59 -30.23 2.81
N VAL A 277 -3.49 -29.56 3.22
CA VAL A 277 -2.36 -29.22 2.33
C VAL A 277 -1.52 -30.49 2.04
N THR A 278 -1.33 -30.81 0.73
CA THR A 278 -0.52 -31.97 0.30
C THR A 278 0.97 -31.59 0.39
N ASP A 279 1.87 -32.59 0.40
CA ASP A 279 3.32 -32.36 0.51
C ASP A 279 3.91 -31.54 -0.66
N GLY A 280 3.28 -31.63 -1.83
CA GLY A 280 3.66 -30.88 -3.02
C GLY A 280 3.22 -29.43 -2.88
N GLU A 281 2.04 -29.21 -2.25
CA GLU A 281 1.47 -27.88 -1.96
C GLU A 281 2.26 -27.23 -0.81
N ARG A 282 2.77 -28.06 0.12
CA ARG A 282 3.57 -27.67 1.28
C ARG A 282 4.95 -27.22 0.81
N SER A 283 5.49 -27.89 -0.24
CA SER A 283 6.79 -27.55 -0.84
C SER A 283 6.80 -26.18 -1.52
N ARG A 284 5.66 -25.76 -2.10
CA ARG A 284 5.51 -24.45 -2.74
C ARG A 284 5.39 -23.34 -1.69
N VAL A 285 4.84 -23.66 -0.49
CA VAL A 285 4.69 -22.74 0.65
C VAL A 285 6.08 -22.37 1.19
N LYS A 286 6.95 -23.37 1.44
CA LYS A 286 8.32 -23.14 1.91
C LYS A 286 9.16 -22.42 0.84
N ALA A 287 8.82 -22.64 -0.46
CA ALA A 287 9.47 -21.98 -1.60
C ALA A 287 9.13 -20.49 -1.63
N PHE A 288 8.00 -20.09 -1.01
CA PHE A 288 7.55 -18.69 -0.95
C PHE A 288 8.26 -17.88 0.15
N ILE A 289 8.72 -18.54 1.24
CA ILE A 289 9.43 -17.92 2.36
C ILE A 289 10.59 -17.00 1.85
N PRO A 290 11.55 -17.43 0.96
CA PRO A 290 12.58 -16.49 0.50
C PRO A 290 12.01 -15.32 -0.31
N LEU A 291 10.93 -15.57 -1.11
CA LEU A 291 10.21 -14.55 -1.89
C LEU A 291 9.54 -13.54 -0.94
N PHE A 292 9.12 -13.98 0.28
CA PHE A 292 8.52 -13.12 1.31
C PHE A 292 9.58 -12.11 1.84
N ILE A 293 10.80 -12.62 2.16
CA ILE A 293 11.95 -11.82 2.64
C ILE A 293 12.33 -10.81 1.53
N LEU A 294 12.53 -11.28 0.27
CA LEU A 294 12.87 -10.42 -0.86
C LEU A 294 11.83 -9.33 -1.08
N GLY A 295 10.55 -9.71 -0.97
CA GLY A 295 9.40 -8.79 -1.09
C GLY A 295 9.36 -7.75 0.01
N MET A 296 9.64 -8.18 1.25
CA MET A 296 9.66 -7.32 2.44
C MET A 296 10.79 -6.28 2.32
N LEU A 297 12.02 -6.72 1.92
CA LEU A 297 13.20 -5.88 1.72
C LEU A 297 12.94 -4.84 0.63
N PHE A 298 12.17 -5.21 -0.42
CA PHE A 298 11.82 -4.28 -1.50
C PHE A 298 10.90 -3.16 -1.01
N TRP A 299 9.76 -3.54 -0.36
CA TRP A 299 8.77 -2.57 0.13
C TRP A 299 9.28 -1.73 1.28
N SER A 300 10.29 -2.22 2.04
CA SER A 300 10.85 -1.43 3.15
C SER A 300 11.49 -0.16 2.57
N ILE A 301 12.36 -0.34 1.55
CA ILE A 301 13.04 0.74 0.83
C ILE A 301 12.04 1.54 0.01
N GLN A 302 11.18 0.86 -0.79
CA GLN A 302 10.17 1.53 -1.60
C GLN A 302 9.18 2.42 -0.79
N GLU A 303 8.59 1.89 0.29
CA GLU A 303 7.63 2.67 1.10
C GLU A 303 8.29 3.82 1.90
N GLN A 304 9.63 3.91 1.87
CA GLN A 304 10.35 4.98 2.55
C GLN A 304 10.46 6.22 1.70
N GLY A 305 10.05 6.15 0.44
CA GLY A 305 10.03 7.31 -0.43
C GLY A 305 8.92 8.29 -0.08
N SER A 306 7.97 7.86 0.78
CA SER A 306 6.83 8.67 1.22
C SER A 306 7.10 9.45 2.51
N ASN A 307 8.15 9.08 3.27
CA ASN A 307 8.46 9.73 4.55
C ASN A 307 9.96 10.00 4.82
N VAL A 308 10.87 9.33 4.10
CA VAL A 308 12.32 9.45 4.33
C VAL A 308 13.05 10.16 3.16
N LEU A 309 12.93 9.62 1.94
CA LEU A 309 13.61 10.17 0.75
C LEU A 309 13.15 11.57 0.35
N ASN A 310 11.85 11.88 0.52
CA ASN A 310 11.24 13.18 0.21
C ASN A 310 11.68 14.33 1.17
N ILE A 311 11.76 14.06 2.51
CA ILE A 311 12.22 15.02 3.52
C ILE A 311 13.72 15.28 3.29
N TYR A 312 14.49 14.23 2.93
CA TYR A 312 15.92 14.33 2.60
C TYR A 312 16.11 15.21 1.38
N GLY A 313 15.26 15.04 0.37
CA GLY A 313 15.29 15.86 -0.84
C GLY A 313 14.99 17.30 -0.53
N LEU A 314 13.91 17.56 0.25
CA LEU A 314 13.48 18.90 0.67
C LEU A 314 14.55 19.63 1.50
N GLU A 315 15.23 18.89 2.39
CA GLU A 315 16.22 19.46 3.29
C GLU A 315 17.66 19.49 2.77
N ARG A 316 18.05 18.55 1.90
CA ARG A 316 19.44 18.50 1.42
C ARG A 316 19.63 18.85 -0.06
N SER A 317 18.59 18.77 -0.88
CA SER A 317 18.74 19.11 -2.29
C SER A 317 18.29 20.54 -2.59
N ASP A 318 18.62 21.04 -3.79
CA ASP A 318 18.27 22.39 -4.22
C ASP A 318 16.79 22.51 -4.64
N MET A 319 16.06 21.36 -4.66
CA MET A 319 14.65 21.22 -5.07
C MET A 319 14.41 21.88 -6.44
N GLN A 320 15.43 21.81 -7.29
CA GLN A 320 15.43 22.46 -8.61
C GLN A 320 15.72 21.45 -9.74
N LEU A 321 14.68 20.97 -10.41
CA LEU A 321 14.82 20.04 -11.55
C LEU A 321 15.62 20.75 -12.64
N ASN A 322 16.65 20.07 -13.18
CA ASN A 322 17.50 20.67 -14.21
C ASN A 322 17.94 19.63 -15.28
N LEU A 323 17.23 19.60 -16.43
CA LEU A 323 17.49 18.65 -17.50
C LEU A 323 17.71 19.33 -18.84
N PHE A 324 18.95 19.26 -19.34
CA PHE A 324 19.37 19.79 -20.65
C PHE A 324 18.80 21.19 -20.93
N GLY A 325 19.08 22.13 -20.02
CA GLY A 325 18.63 23.51 -20.14
C GLY A 325 17.28 23.82 -19.52
N TRP A 326 16.42 22.80 -19.36
CA TRP A 326 15.10 22.96 -18.75
C TRP A 326 15.23 22.93 -17.24
N THR A 327 15.07 24.08 -16.60
CA THR A 327 15.22 24.21 -15.15
C THR A 327 13.92 24.74 -14.53
N THR A 328 13.43 24.05 -13.49
CA THR A 328 12.19 24.41 -12.79
C THR A 328 12.21 23.97 -11.33
N ARG A 329 11.49 24.70 -10.45
CA ARG A 329 11.34 24.38 -9.03
C ARG A 329 10.50 23.11 -8.92
N PHE A 330 10.96 22.14 -8.12
CA PHE A 330 10.28 20.87 -7.90
C PHE A 330 9.57 20.92 -6.53
N GLY A 331 8.25 20.84 -6.54
CA GLY A 331 7.45 20.82 -5.32
C GLY A 331 7.60 19.49 -4.61
N GLU A 332 7.84 19.55 -3.27
CA GLU A 332 8.09 18.39 -2.40
C GLU A 332 7.06 17.28 -2.52
N ALA A 333 5.76 17.61 -2.76
CA ALA A 333 4.71 16.59 -2.92
C ALA A 333 4.77 15.83 -4.25
N LEU A 334 5.45 16.41 -5.27
CA LEU A 334 5.64 15.79 -6.59
C LEU A 334 6.58 14.57 -6.58
N PHE A 335 7.36 14.39 -5.51
CA PHE A 335 8.20 13.20 -5.32
C PHE A 335 7.34 11.92 -5.31
N GLN A 336 6.05 12.02 -4.89
CA GLN A 336 5.06 10.93 -4.80
C GLN A 336 4.48 10.50 -6.16
N SER A 337 4.61 11.38 -7.18
CA SER A 337 4.13 11.21 -8.53
C SER A 337 5.13 10.47 -9.42
N ILE A 338 6.42 10.35 -8.98
CA ILE A 338 7.48 9.71 -9.76
C ILE A 338 7.19 8.22 -10.04
N ASN A 339 7.02 7.42 -9.00
CA ASN A 339 6.73 5.99 -9.05
C ASN A 339 5.44 5.67 -9.88
N PRO A 340 4.26 6.30 -9.64
CA PRO A 340 3.08 6.02 -10.49
C PRO A 340 3.25 6.41 -11.97
N LEU A 341 4.01 7.48 -12.27
CA LEU A 341 4.29 7.88 -13.67
C LEU A 341 5.08 6.80 -14.40
N PHE A 342 6.17 6.30 -13.79
CA PHE A 342 7.01 5.25 -14.38
C PHE A 342 6.30 3.92 -14.52
N ILE A 343 5.37 3.60 -13.58
CA ILE A 343 4.56 2.39 -13.66
C ILE A 343 3.65 2.54 -14.89
N LEU A 344 2.95 3.68 -15.02
CA LEU A 344 2.07 3.97 -16.15
C LEU A 344 2.78 3.90 -17.50
N LEU A 345 3.99 4.46 -17.59
CA LEU A 345 4.74 4.47 -18.85
C LEU A 345 5.42 3.16 -19.19
N PHE A 346 6.01 2.47 -18.20
CA PHE A 346 6.81 1.29 -18.50
C PHE A 346 6.26 -0.08 -18.03
N ALA A 347 5.10 -0.15 -17.31
CA ALA A 347 4.51 -1.45 -16.95
C ALA A 347 4.02 -2.21 -18.20
N PRO A 348 3.36 -1.58 -19.22
CA PRO A 348 2.99 -2.33 -20.44
C PRO A 348 4.21 -2.79 -21.26
N VAL A 349 5.29 -2.00 -21.23
CA VAL A 349 6.59 -2.22 -21.90
C VAL A 349 7.26 -3.52 -21.35
N ILE A 350 7.49 -3.60 -20.02
CA ILE A 350 8.07 -4.76 -19.31
C ILE A 350 7.24 -6.05 -19.57
N SER A 351 5.88 -5.92 -19.60
CA SER A 351 4.91 -6.98 -19.87
C SER A 351 5.14 -7.63 -21.25
N MET A 352 5.63 -6.83 -22.21
CA MET A 352 5.96 -7.28 -23.55
C MET A 352 7.36 -7.90 -23.61
N ILE A 353 8.33 -7.38 -22.81
CA ILE A 353 9.70 -7.91 -22.70
C ILE A 353 9.65 -9.37 -22.23
N TRP A 354 8.88 -9.66 -21.15
CA TRP A 354 8.70 -11.03 -20.63
C TRP A 354 7.93 -11.94 -21.60
N LEU A 355 6.92 -11.39 -22.30
CA LEU A 355 6.10 -12.13 -23.27
C LEU A 355 6.90 -12.56 -24.50
N LYS A 356 7.87 -11.74 -24.93
CA LYS A 356 8.75 -12.04 -26.07
C LYS A 356 9.79 -13.11 -25.70
N MET A 357 10.23 -13.14 -24.42
CA MET A 357 11.17 -14.13 -23.87
C MET A 357 10.46 -15.49 -23.68
N GLY A 358 9.15 -15.46 -23.50
CA GLY A 358 8.29 -16.63 -23.32
C GLY A 358 8.59 -17.46 -22.10
N LYS A 359 9.03 -18.71 -22.31
CA LYS A 359 9.40 -19.65 -21.25
C LYS A 359 10.88 -19.47 -20.81
N LYS A 360 11.70 -18.87 -21.70
CA LYS A 360 13.12 -18.55 -21.48
C LYS A 360 13.27 -17.33 -20.51
N GLN A 361 12.14 -16.68 -20.15
CA GLN A 361 12.06 -15.53 -19.24
C GLN A 361 12.59 -15.84 -17.81
N PRO A 362 13.08 -14.83 -17.04
CA PRO A 362 13.56 -15.12 -15.68
C PRO A 362 12.44 -15.62 -14.77
N SER A 363 12.82 -16.46 -13.80
CA SER A 363 11.89 -17.04 -12.82
C SER A 363 11.43 -16.02 -11.77
N LEU A 364 10.46 -16.42 -10.94
CA LEU A 364 9.87 -15.65 -9.85
C LEU A 364 10.98 -15.15 -8.89
N ALA A 365 11.88 -16.08 -8.51
CA ALA A 365 13.01 -15.84 -7.62
C ALA A 365 14.02 -14.85 -8.21
N ILE A 366 14.35 -14.97 -9.52
CA ILE A 366 15.29 -14.08 -10.20
C ILE A 366 14.68 -12.65 -10.32
N LYS A 367 13.39 -12.55 -10.73
CA LYS A 367 12.65 -11.28 -10.88
C LYS A 367 12.60 -10.49 -9.57
N PHE A 368 12.30 -11.19 -8.44
CA PHE A 368 12.27 -10.63 -7.08
C PHE A 368 13.64 -10.15 -6.64
N SER A 369 14.68 -10.96 -6.94
CA SER A 369 16.07 -10.65 -6.64
C SER A 369 16.53 -9.39 -7.38
N ILE A 370 16.18 -9.26 -8.70
CA ILE A 370 16.48 -8.11 -9.55
C ILE A 370 15.85 -6.84 -8.94
N GLY A 371 14.57 -6.95 -8.54
CA GLY A 371 13.82 -5.86 -7.92
C GLY A 371 14.40 -5.35 -6.63
N THR A 372 14.73 -6.27 -5.69
CA THR A 372 15.32 -5.98 -4.37
C THR A 372 16.72 -5.40 -4.48
N LEU A 373 17.57 -5.95 -5.39
CA LEU A 373 18.92 -5.45 -5.65
C LEU A 373 18.82 -4.01 -6.13
N LEU A 374 17.85 -3.72 -7.03
CA LEU A 374 17.60 -2.37 -7.55
C LEU A 374 17.11 -1.43 -6.44
N ALA A 375 16.24 -1.91 -5.52
CA ALA A 375 15.79 -1.13 -4.37
C ALA A 375 17.01 -0.77 -3.48
N GLY A 376 17.89 -1.75 -3.25
CA GLY A 376 19.12 -1.56 -2.47
C GLY A 376 20.12 -0.64 -3.13
N LEU A 377 20.24 -0.73 -4.48
CA LEU A 377 21.13 0.11 -5.31
C LEU A 377 20.66 1.58 -5.33
N SER A 378 19.35 1.82 -5.15
CA SER A 378 18.75 3.16 -5.11
C SER A 378 19.12 3.88 -3.80
N TYR A 379 19.29 3.09 -2.70
CA TYR A 379 19.73 3.59 -1.38
C TYR A 379 21.26 3.76 -1.29
N ILE A 380 22.04 2.90 -1.99
CA ILE A 380 23.50 3.04 -2.09
C ILE A 380 23.81 4.31 -2.92
N LEU A 381 23.01 4.56 -3.99
CA LEU A 381 23.13 5.74 -4.85
C LEU A 381 22.99 7.03 -4.03
N ILE A 382 21.82 7.23 -3.36
CA ILE A 382 21.54 8.44 -2.57
C ILE A 382 22.54 8.58 -1.38
N GLY A 383 22.87 7.47 -0.73
CA GLY A 383 23.84 7.39 0.36
C GLY A 383 25.21 7.87 -0.09
N LEU A 384 25.64 7.46 -1.30
CA LEU A 384 26.93 7.88 -1.86
C LEU A 384 26.93 9.36 -2.31
N VAL A 385 25.76 9.88 -2.72
CA VAL A 385 25.59 11.30 -3.10
C VAL A 385 25.78 12.19 -1.85
N GLY A 386 25.14 11.83 -0.74
CA GLY A 386 25.26 12.56 0.52
C GLY A 386 26.67 12.55 1.08
N LEU A 387 27.34 11.39 0.95
CA LEU A 387 28.73 11.14 1.37
C LEU A 387 29.68 11.97 0.51
N GLY A 388 29.38 12.07 -0.79
CA GLY A 388 30.19 12.82 -1.73
C GLY A 388 30.13 14.33 -1.53
N TYR A 389 28.93 14.86 -1.30
CA TYR A 389 28.70 16.29 -1.12
C TYR A 389 28.93 16.80 0.30
N GLY A 390 28.58 15.98 1.30
CA GLY A 390 28.69 16.34 2.71
C GLY A 390 27.66 17.39 3.06
N HIS A 391 28.11 18.57 3.52
CA HIS A 391 27.22 19.68 3.85
C HIS A 391 26.74 20.45 2.58
N THR A 392 27.44 20.27 1.44
CA THR A 392 27.12 20.90 0.15
C THR A 392 25.75 20.44 -0.41
N GLN A 393 24.88 21.42 -0.72
CA GLN A 393 23.55 21.18 -1.30
C GLN A 393 23.74 20.66 -2.73
N PHE A 394 23.09 19.53 -3.04
CA PHE A 394 23.19 18.86 -4.34
C PHE A 394 21.90 19.01 -5.15
N SER A 395 21.93 18.57 -6.41
CA SER A 395 20.77 18.68 -7.28
C SER A 395 19.71 17.62 -6.89
N VAL A 396 18.41 18.02 -7.00
CA VAL A 396 17.23 17.15 -6.76
C VAL A 396 17.20 16.00 -7.80
N ASN A 397 17.96 16.16 -8.94
CA ASN A 397 18.09 15.16 -10.01
C ASN A 397 18.58 13.83 -9.43
N TRP A 398 19.43 13.91 -8.37
CA TRP A 398 19.96 12.76 -7.63
C TRP A 398 18.85 12.05 -6.87
N VAL A 399 18.01 12.80 -6.12
CA VAL A 399 16.87 12.28 -5.34
C VAL A 399 15.87 11.63 -6.29
N ILE A 400 15.63 12.26 -7.47
CA ILE A 400 14.75 11.77 -8.52
C ILE A 400 15.30 10.45 -9.11
N LEU A 401 16.64 10.37 -9.33
CA LEU A 401 17.32 9.17 -9.83
C LEU A 401 17.14 8.00 -8.84
N SER A 402 17.14 8.28 -7.53
CA SER A 402 16.90 7.24 -6.51
C SER A 402 15.49 6.64 -6.66
N TYR A 403 14.46 7.50 -6.84
CA TYR A 403 13.07 7.09 -7.06
C TYR A 403 12.93 6.23 -8.33
N VAL A 404 13.61 6.65 -9.43
CA VAL A 404 13.58 5.97 -10.73
C VAL A 404 14.20 4.57 -10.65
N ILE A 405 15.32 4.40 -9.91
CA ILE A 405 15.96 3.09 -9.76
C ILE A 405 15.04 2.13 -9.00
N CYS A 406 14.39 2.64 -7.94
CA CYS A 406 13.46 1.86 -7.11
C CYS A 406 12.21 1.39 -7.88
N VAL A 407 11.60 2.28 -8.69
CA VAL A 407 10.42 1.94 -9.47
C VAL A 407 10.76 0.93 -10.60
N ILE A 408 11.98 1.02 -11.20
CA ILE A 408 12.44 0.05 -12.22
C ILE A 408 12.47 -1.36 -11.56
N GLY A 409 12.85 -1.41 -10.28
CA GLY A 409 12.85 -2.61 -9.46
C GLY A 409 11.44 -3.12 -9.19
N GLU A 410 10.47 -2.20 -8.99
CA GLU A 410 9.06 -2.53 -8.75
C GLU A 410 8.42 -3.21 -9.97
N LEU A 411 8.84 -2.79 -11.18
CA LEU A 411 8.36 -3.33 -12.45
C LEU A 411 8.75 -4.80 -12.62
N CYS A 412 9.84 -5.23 -11.94
CA CYS A 412 10.36 -6.61 -11.93
C CYS A 412 9.62 -7.47 -10.92
N LEU A 413 9.33 -6.89 -9.75
CA LEU A 413 8.77 -7.53 -8.56
C LEU A 413 7.24 -7.62 -8.51
N SER A 414 6.52 -6.49 -8.74
CA SER A 414 5.06 -6.40 -8.63
C SER A 414 4.24 -7.38 -9.51
N PRO A 415 4.44 -7.52 -10.86
CA PRO A 415 3.61 -8.50 -11.62
C PRO A 415 3.90 -9.96 -11.23
N THR A 416 5.08 -10.15 -10.62
CA THR A 416 5.65 -11.41 -10.15
C THR A 416 5.11 -11.81 -8.77
N GLY A 417 4.84 -10.83 -7.90
CA GLY A 417 4.29 -11.04 -6.57
C GLY A 417 2.82 -11.39 -6.58
N ASN A 418 2.04 -10.72 -7.46
CA ASN A 418 0.60 -10.91 -7.66
C ASN A 418 0.28 -12.28 -8.27
N SER A 419 1.16 -12.77 -9.18
CA SER A 419 1.05 -14.06 -9.86
C SER A 419 1.55 -15.23 -8.99
N ALA A 420 2.24 -14.92 -7.88
CA ALA A 420 2.79 -15.89 -6.93
C ALA A 420 1.80 -16.30 -5.84
N ALA A 421 0.87 -15.40 -5.47
CA ALA A 421 -0.17 -15.63 -4.46
C ALA A 421 -1.32 -16.54 -4.98
N VAL A 422 -1.24 -16.95 -6.26
CA VAL A 422 -2.20 -17.82 -6.95
C VAL A 422 -1.52 -19.14 -7.41
N LYS A 423 -0.27 -19.06 -7.94
CA LYS A 423 0.52 -20.20 -8.42
C LYS A 423 1.01 -21.08 -7.27
N LEU A 424 1.73 -20.49 -6.30
CA LEU A 424 2.27 -21.19 -5.13
C LEU A 424 1.20 -21.38 -4.02
N ALA A 425 -0.09 -21.13 -4.36
CA ALA A 425 -1.23 -21.21 -3.45
C ALA A 425 -1.89 -22.59 -3.34
N PRO A 426 -2.13 -23.11 -2.10
CA PRO A 426 -2.85 -24.38 -1.95
C PRO A 426 -4.35 -24.18 -2.20
N LYS A 427 -5.07 -25.26 -2.59
CA LYS A 427 -6.50 -25.25 -2.91
C LYS A 427 -7.39 -24.64 -1.82
N ALA A 428 -7.09 -24.93 -0.54
CA ALA A 428 -7.86 -24.42 0.60
C ALA A 428 -7.40 -23.06 1.11
N PHE A 429 -6.11 -22.72 0.92
CA PHE A 429 -5.51 -21.48 1.39
C PHE A 429 -5.20 -20.48 0.26
N ASN A 430 -6.22 -20.18 -0.57
CA ASN A 430 -6.08 -19.23 -1.69
C ASN A 430 -6.17 -17.80 -1.16
N ALA A 431 -7.13 -17.53 -0.25
CA ALA A 431 -7.33 -16.22 0.40
C ALA A 431 -6.21 -15.96 1.42
N GLN A 432 -5.68 -17.04 2.04
CA GLN A 432 -4.58 -17.00 3.00
C GLN A 432 -3.24 -16.67 2.31
N MET A 433 -3.04 -17.21 1.09
CA MET A 433 -1.85 -16.92 0.29
C MET A 433 -1.92 -15.48 -0.24
N MET A 434 -3.16 -14.97 -0.45
CA MET A 434 -3.41 -13.58 -0.88
C MET A 434 -2.94 -12.62 0.23
N SER A 435 -3.06 -13.08 1.51
CA SER A 435 -2.62 -12.36 2.71
C SER A 435 -1.10 -12.28 2.83
N VAL A 436 -0.35 -13.35 2.46
CA VAL A 436 1.12 -13.34 2.58
C VAL A 436 1.78 -12.37 1.56
N TRP A 437 1.29 -12.26 0.30
CA TRP A 437 1.87 -11.26 -0.62
C TRP A 437 1.53 -9.82 -0.18
N LEU A 438 0.34 -9.63 0.42
CA LEU A 438 -0.11 -8.35 0.97
C LEU A 438 0.70 -8.01 2.25
N LEU A 439 1.09 -9.05 3.02
CA LEU A 439 1.90 -8.93 4.22
C LEU A 439 3.36 -8.56 3.93
N THR A 440 3.88 -8.81 2.70
CA THR A 440 5.24 -8.37 2.34
C THR A 440 5.29 -6.85 2.46
N ASN A 441 4.16 -6.15 2.18
CA ASN A 441 4.03 -4.71 2.29
C ASN A 441 3.63 -4.25 3.71
N ALA A 442 2.61 -4.91 4.31
CA ALA A 442 2.14 -4.63 5.68
C ALA A 442 3.27 -4.79 6.72
N SER A 443 4.07 -5.87 6.60
CA SER A 443 5.21 -6.15 7.48
C SER A 443 6.37 -5.17 7.24
N ALA A 444 6.70 -4.86 5.96
CA ALA A 444 7.77 -3.91 5.63
C ALA A 444 7.48 -2.53 6.22
N GLN A 445 6.22 -2.05 6.11
CA GLN A 445 5.76 -0.79 6.67
C GLN A 445 5.75 -0.80 8.22
N ALA A 446 5.49 -1.99 8.82
CA ALA A 446 5.51 -2.23 10.28
C ALA A 446 6.93 -2.13 10.83
N ILE A 447 7.94 -2.65 10.09
CA ILE A 447 9.35 -2.56 10.47
C ILE A 447 9.80 -1.08 10.30
N ASN A 448 9.38 -0.44 9.18
CA ASN A 448 9.66 0.97 8.86
C ASN A 448 9.32 1.96 9.97
N GLY A 449 8.20 1.72 10.68
CA GLY A 449 7.70 2.53 11.79
C GLY A 449 8.66 2.64 12.95
N THR A 450 9.54 1.63 13.14
CA THR A 450 10.55 1.57 14.20
C THR A 450 11.94 1.87 13.60
N LEU A 451 12.19 1.39 12.37
CA LEU A 451 13.44 1.55 11.60
C LEU A 451 13.82 3.02 11.42
N VAL A 452 12.81 3.90 11.19
CA VAL A 452 12.99 5.36 10.98
C VAL A 452 13.68 6.03 12.16
N LYS A 453 13.65 5.40 13.36
CA LYS A 453 14.30 5.84 14.59
C LYS A 453 15.84 5.66 14.53
N LEU A 454 16.37 4.96 13.51
CA LEU A 454 17.81 4.75 13.32
C LEU A 454 18.53 5.91 12.61
N ILE A 455 17.78 6.79 11.93
CA ILE A 455 18.27 7.96 11.18
C ILE A 455 19.09 8.92 12.07
N LYS A 456 18.60 9.24 13.29
CA LYS A 456 19.31 10.11 14.22
C LYS A 456 20.61 9.46 14.77
N PRO A 457 20.61 8.23 15.39
CA PRO A 457 21.87 7.68 15.88
C PRO A 457 22.88 7.26 14.81
N LEU A 458 22.44 6.75 13.64
CA LEU A 458 23.35 6.32 12.58
C LEU A 458 23.84 7.45 11.68
N GLY A 459 22.97 8.44 11.46
CA GLY A 459 23.23 9.53 10.54
C GLY A 459 22.51 9.18 9.26
N GLN A 460 21.75 10.14 8.68
CA GLN A 460 20.93 9.95 7.48
C GLN A 460 21.66 9.26 6.31
N THR A 461 22.90 9.68 6.00
CA THR A 461 23.70 9.09 4.92
C THR A 461 24.15 7.66 5.21
N ASN A 462 24.59 7.40 6.47
CA ASN A 462 25.02 6.06 6.89
C ASN A 462 23.82 5.13 6.90
N TYR A 463 22.61 5.66 7.23
CA TYR A 463 21.34 4.94 7.24
C TYR A 463 21.00 4.39 5.82
N PHE A 464 21.12 5.23 4.77
CA PHE A 464 20.88 4.83 3.38
C PHE A 464 21.87 3.76 2.93
N ILE A 465 23.16 3.89 3.32
CA ILE A 465 24.21 2.93 2.96
C ILE A 465 23.98 1.60 3.70
N PHE A 466 23.70 1.64 5.02
CA PHE A 466 23.44 0.45 5.86
C PHE A 466 22.23 -0.35 5.37
N LEU A 467 21.10 0.33 5.09
CA LEU A 467 19.85 -0.27 4.60
C LEU A 467 20.01 -0.80 3.17
N GLY A 468 20.72 -0.05 2.33
CA GLY A 468 21.02 -0.41 0.96
C GLY A 468 21.84 -1.69 0.84
N THR A 469 22.93 -1.79 1.66
CA THR A 469 23.85 -2.95 1.74
C THR A 469 23.16 -4.20 2.30
N VAL A 470 22.41 -4.07 3.43
CA VAL A 470 21.66 -5.16 4.06
C VAL A 470 20.72 -5.81 3.01
N ALA A 471 19.99 -4.99 2.25
CA ALA A 471 19.10 -5.42 1.17
C ALA A 471 19.86 -6.25 0.12
N ILE A 472 21.03 -5.75 -0.36
CA ILE A 472 21.89 -6.38 -1.37
C ILE A 472 22.53 -7.70 -0.87
N VAL A 473 23.06 -7.75 0.38
CA VAL A 473 23.70 -8.97 0.90
C VAL A 473 22.68 -10.11 1.05
N ILE A 474 21.48 -9.87 1.66
CA ILE A 474 20.43 -10.88 1.84
C ILE A 474 19.93 -11.39 0.47
N THR A 475 19.82 -10.48 -0.50
CA THR A 475 19.42 -10.81 -1.86
C THR A 475 20.48 -11.70 -2.53
N LEU A 476 21.78 -11.36 -2.39
CA LEU A 476 22.84 -12.17 -2.96
C LEU A 476 22.93 -13.57 -2.33
N ILE A 477 22.62 -13.68 -1.01
CA ILE A 477 22.61 -14.97 -0.28
C ILE A 477 21.45 -15.85 -0.77
N ILE A 478 20.24 -15.26 -0.96
CA ILE A 478 19.06 -15.97 -1.45
C ILE A 478 19.21 -16.35 -2.95
N LEU A 479 19.69 -15.40 -3.79
CA LEU A 479 19.90 -15.54 -5.24
C LEU A 479 20.63 -16.83 -5.66
N VAL A 480 21.65 -17.26 -4.88
CA VAL A 480 22.41 -18.48 -5.20
C VAL A 480 21.54 -19.77 -5.03
N PHE A 481 20.40 -19.68 -4.30
CA PHE A 481 19.48 -20.80 -4.06
C PHE A 481 18.24 -20.75 -4.98
N SER A 482 18.22 -19.78 -5.93
CA SER A 482 17.14 -19.54 -6.92
C SER A 482 16.72 -20.79 -7.74
N PRO A 483 17.62 -21.69 -8.24
CA PRO A 483 17.13 -22.87 -8.99
C PRO A 483 16.29 -23.84 -8.14
N LYS A 484 16.61 -23.98 -6.83
CA LYS A 484 15.89 -24.86 -5.91
C LYS A 484 14.54 -24.30 -5.48
N ILE A 485 14.42 -22.96 -5.43
CA ILE A 485 13.21 -22.22 -5.05
C ILE A 485 12.05 -22.48 -6.04
N THR A 486 12.34 -22.51 -7.35
CA THR A 486 11.34 -22.72 -8.40
C THR A 486 10.79 -24.15 -8.35
N LYS A 487 9.53 -24.29 -7.88
CA LYS A 487 8.82 -25.57 -7.71
C LYS A 487 7.46 -25.59 -8.40
C18 OLC B . 5.96 14.39 -12.50
C10 OLC B . 14.61 11.42 -14.79
C9 OLC B . 15.80 11.15 -14.24
C17 OLC B . 6.92 13.46 -11.79
C11 OLC B . 13.76 12.66 -14.62
C8 OLC B . 16.59 11.99 -13.29
C24 OLC B . 26.84 16.63 -11.15
C16 OLC B . 8.37 13.90 -11.86
C12 OLC B . 12.28 12.34 -14.35
C7 OLC B . 17.79 12.73 -13.91
C15 OLC B . 9.17 13.33 -13.04
C13 OLC B . 11.36 13.55 -14.36
C6 OLC B . 19.02 11.87 -14.23
C14 OLC B . 10.63 13.78 -13.04
C5 OLC B . 19.94 11.54 -13.05
C4 OLC B . 20.79 12.67 -12.47
C3 OLC B . 21.98 13.11 -13.33
C2 OLC B . 23.15 13.65 -12.51
C21 OLC B . 24.31 16.76 -10.94
C1 OLC B . 23.09 15.11 -12.16
C22 OLC B . 25.62 17.51 -11.12
O19 OLC B . 22.09 15.79 -12.21
O25 OLC B . 27.06 16.01 -9.90
O23 OLC B . 25.57 18.33 -12.30
O20 OLC B . 24.28 15.57 -11.76
C10 OLC C . -11.03 -4.00 10.98
C9 OLC C . -10.22 -3.65 11.97
C11 OLC C . -10.94 -3.63 9.53
C8 OLC C . -8.98 -2.79 11.88
C24 OLC C . -5.62 -12.59 12.75
C12 OLC C . -12.24 -3.89 8.76
C7 OLC C . -7.82 -3.35 12.70
C6 OLC C . -6.46 -3.16 12.03
C5 OLC C . -5.33 -3.99 12.60
C4 OLC C . -5.49 -5.50 12.46
C3 OLC C . -4.17 -6.25 12.52
C2 OLC C . -4.30 -7.71 12.94
C21 OLC C . -6.72 -10.40 12.15
C1 OLC C . -5.15 -8.57 12.07
C22 OLC C . -6.10 -11.69 11.65
O19 OLC C . -5.36 -8.38 10.89
O25 OLC C . -5.21 -13.85 12.23
O23 OLC C . -7.10 -12.38 10.89
O20 OLC C . -5.67 -9.60 12.75
C24 OLC D . -9.01 -15.88 7.24
C6 OLC D . -13.01 -8.56 12.80
C5 OLC D . -12.11 -9.75 13.10
C4 OLC D . -12.46 -10.98 12.30
C3 OLC D . -11.61 -12.21 12.64
C2 OLC D . -10.32 -12.31 11.85
C21 OLC D . -9.68 -13.87 8.57
C1 OLC D . -10.29 -13.44 10.86
C22 OLC D . -8.66 -14.97 8.39
O19 OLC D . -10.92 -14.47 10.97
O25 OLC D . -8.03 -16.89 7.05
O23 OLC D . -7.39 -14.37 8.15
O20 OLC D . -9.48 -13.17 9.83
C10 OLC E . -13.98 8.61 16.71
C9 OLC E . -12.98 7.76 16.91
C11 OLC E . -13.87 10.01 16.18
C8 OLC E . -11.52 8.00 16.68
C24 OLC E . -4.51 14.75 22.51
C12 OLC E . -15.22 10.70 15.95
C7 OLC E . -10.65 7.78 17.91
C13 OLC E . -15.10 12.05 15.26
C6 OLC E . -9.27 8.42 17.81
C5 OLC E . -9.23 9.89 18.22
C4 OLC E . -9.01 10.13 19.71
C3 OLC E . -7.55 10.17 20.16
C2 OLC E . -6.94 11.58 20.10
C21 OLC E . -3.67 13.20 20.68
C1 OLC E . -5.50 11.65 20.46
C22 OLC E . -3.43 13.79 22.05
O19 OLC E . -4.78 10.69 20.67
O25 OLC E . -4.47 15.98 21.79
O23 OLC E . -3.24 12.75 23.02
O20 OLC E . -5.08 12.93 20.52
C18 OLC F . 18.12 -0.78 -15.04
C10 OLC F . 24.44 2.59 -7.82
C9 OLC F . 25.18 3.54 -7.29
C17 OLC F . 19.42 -0.89 -14.29
C11 OLC F . 24.25 2.26 -9.28
C8 OLC F . 26.02 4.56 -8.01
C24 OLC F . 31.62 16.14 -5.74
C16 OLC F . 19.70 0.28 -13.35
C12 OLC F . 22.80 2.01 -9.68
C7 OLC F . 26.63 5.62 -7.10
C15 OLC F . 21.05 0.19 -12.65
C13 OLC F . 22.65 1.25 -10.98
C6 OLC F . 27.28 6.78 -7.84
C14 OLC F . 21.23 1.14 -11.48
C5 OLC F . 28.01 7.76 -6.94
C4 OLC F . 27.16 8.92 -6.44
C3 OLC F . 27.67 10.30 -6.88
C2 OLC F . 28.58 10.98 -5.86
C21 OLC F . 29.85 14.42 -5.28
C1 OLC F . 28.83 12.43 -6.15
C22 OLC F . 31.32 14.69 -5.41
O19 OLC F . 28.37 13.04 -7.09
O25 OLC F . 31.30 17.02 -4.67
O23 OLC F . 32.01 14.32 -4.21
O20 OLC F . 29.66 12.98 -5.25
C24 OLC G . 29.00 12.94 -11.81
C6 OLC G . 20.77 8.63 -15.78
C5 OLC G . 22.04 9.27 -16.30
C4 OLC G . 22.89 9.90 -15.22
C3 OLC G . 24.14 10.63 -15.73
C2 OLC G . 24.99 11.18 -14.59
C21 OLC G . 28.19 13.01 -14.20
C1 OLC G . 26.29 11.81 -15.02
C22 OLC G . 28.57 13.80 -12.97
O19 OLC G . 26.76 11.75 -16.12
O25 OLC G . 29.37 13.72 -10.68
O23 OLC G . 29.61 14.72 -13.31
O20 OLC G . 26.89 12.43 -13.98
C9 OLC H . 17.62 8.51 -19.78
C8 OLC H . 18.79 9.26 -19.19
C24 OLC H . 22.11 19.51 -13.02
C7 OLC H . 18.49 10.71 -18.88
C6 OLC H . 19.63 11.43 -18.18
C5 OLC H . 19.37 12.89 -17.88
C4 OLC H . 20.49 13.61 -17.14
C3 OLC H . 20.26 15.11 -17.00
C2 OLC H . 21.35 15.82 -16.22
C21 OLC H . 22.10 19.40 -15.54
C1 OLC H . 21.37 17.32 -16.46
C22 OLC H . 22.75 19.98 -14.31
O19 OLC H . 20.91 17.85 -17.42
O25 OLC H . 22.65 20.22 -11.90
O23 OLC H . 24.16 19.74 -14.29
O20 OLC H . 21.99 17.95 -15.46
C9 OLC I . -18.74 13.59 -14.81
C8 OLC I . -20.05 13.26 -15.46
C24 OLC I . -29.58 6.38 -12.05
C7 OLC I . -21.23 14.02 -14.86
C6 OLC I . -22.59 13.65 -15.43
C5 OLC I . -23.28 12.48 -14.73
C4 OLC I . -24.70 12.26 -15.21
C3 OLC I . -25.54 11.41 -14.26
C2 OLC I . -26.92 11.07 -14.83
C21 OLC I . -29.08 8.67 -12.99
C1 OLC I . -27.89 10.61 -13.78
C22 OLC I . -28.70 7.21 -12.96
O19 OLC I . -28.39 11.32 -12.95
O25 OLC I . -29.24 6.55 -10.69
O23 OLC I . -28.80 6.70 -14.30
O20 OLC I . -28.16 9.30 -13.91
C24 OLC J . -26.99 1.38 -2.42
C6 OLC J . -26.97 9.91 -4.65
C5 OLC J . -28.20 9.29 -5.27
C4 OLC J . -28.31 7.79 -5.06
C3 OLC J . -29.52 7.16 -5.72
C2 OLC J . -29.41 5.65 -5.95
C21 OLC J . -28.59 3.01 -3.49
C1 OLC J . -29.56 4.81 -4.72
C22 OLC J . -27.34 2.18 -3.66
O19 OLC J . -30.47 4.91 -3.91
O25 OLC J . -27.94 0.34 -2.20
O23 OLC J . -27.50 1.31 -4.78
O20 OLC J . -28.58 3.92 -4.62
C24 OLC K . -16.17 24.42 13.61
C5 OLC K . -18.65 15.36 12.91
C4 OLC K . -18.91 16.56 13.81
C3 OLC K . -18.51 17.87 13.16
C2 OLC K . -18.80 19.08 14.05
C21 OLC K . -17.96 22.69 13.88
C1 OLC K . -18.46 20.39 13.40
C22 OLC K . -16.51 23.03 14.11
O19 OLC K . -18.46 20.60 12.22
O25 OLC K . -14.87 24.81 14.01
O23 OLC K . -16.22 22.95 15.51
O20 OLC K . -18.16 21.32 14.33
C24 OLC L . -8.22 0.32 -22.82
C5 OLC L . -9.19 7.84 -19.30
C4 OLC L . -9.26 6.41 -19.81
C3 OLC L . -9.66 5.40 -18.76
C2 OLC L . -9.86 3.99 -19.30
C21 OLC L . -7.42 2.30 -21.50
C1 OLC L . -8.59 3.28 -19.65
C22 OLC L . -7.52 0.80 -21.57
O19 OLC L . -7.64 3.17 -18.93
O25 OLC L . -8.14 -1.09 -22.95
O23 OLC L . -6.19 0.25 -21.53
O20 OLC L . -8.65 2.76 -20.90
C24 OLC M . -25.15 -4.78 4.76
C5 OLC M . -24.58 3.75 6.59
C4 OLC M . -23.73 3.04 5.55
C3 OLC M . -24.24 1.66 5.18
C2 OLC M . -23.34 0.95 4.19
C21 OLC M . -23.76 -2.70 4.57
C1 OLC M . -23.81 -0.42 3.80
C22 OLC M . -25.08 -3.28 4.99
O19 OLC M . -24.13 -0.75 2.68
O25 OLC M . -25.19 -5.10 3.38
O23 OLC M . -25.32 -2.99 6.38
O20 OLC M . -23.78 -1.27 4.84
C24 OLC N . 1.72 12.56 18.89
C5 OLC N . -4.86 6.71 19.66
C4 OLC N . -3.39 6.95 19.31
C3 OLC N . -2.74 8.04 20.15
C2 OLC N . -1.28 8.29 19.80
C21 OLC N . 1.22 10.87 20.70
C1 OLC N . -0.65 9.40 20.60
C22 OLC N . 1.00 12.27 20.19
O19 OLC N . -1.04 9.75 21.70
O25 OLC N . 3.10 12.79 19.13
O23 OLC N . -0.40 12.54 20.03
O20 OLC N . 0.39 9.94 19.97
O2 C3H O . -0.28 2.72 -5.46
C11 C3H O . 0.49 2.78 -6.34
O3 C3H O . 0.80 1.77 -7.09
C10 C3H O . 1.31 3.98 -6.71
N1 C3H O . 1.57 4.85 -5.59
C9 C3H O . 2.60 4.65 -4.78
O1 C3H O . 2.87 3.56 -4.28
C8 C3H O . 3.51 5.80 -4.49
N C3H O . 2.84 7.04 -4.86
C7 C3H O . 3.84 5.86 -2.99
S C3H O . 5.45 5.25 -2.46
C3 C3H O . 6.84 6.33 -3.11
C4 C3H O . 6.69 7.66 -2.42
C5 C3H O . 6.73 6.35 -4.64
C6 C3H O . 7.60 7.32 -5.39
O C3H O . 6.87 8.26 -6.11
C2 C3H O . 8.21 5.73 -2.77
C1 C3H O . 9.07 5.33 -3.96
C C3H O . 10.39 4.77 -3.52
#